data_7R2L
#
_entry.id   7R2L
#
_cell.length_a   57.141
_cell.length_b   57.141
_cell.length_c   87.692
_cell.angle_alpha   90.000
_cell.angle_beta   90.000
_cell.angle_gamma   90.000
#
_symmetry.space_group_name_H-M   'P 41 21 2'
#
loop_
_entity.id
_entity.type
_entity.pdbx_description
1 polymer 'Peptidyl-prolyl cis-trans isomerase F, mitochondrial'
2 non-polymer N-(4-aminophenyl)-7-methyl-2-oxo-1H,2H-pyrazolo[1,5-a]pyrimidine-6-carboxamide
3 non-polymer 'DIMETHYL SULFOXIDE'
4 non-polymer 'TETRAETHYLENE GLYCOL'
5 water water
#
_entity_poly.entity_id   1
_entity_poly.type   'polypeptide(L)'
_entity_poly.pdbx_seq_one_letter_code
;MGNPLVYLDVDANGKPLGRVVLELKADVVPKTAENFRALCTGEKGFGYKGSTFHRVIPSFMCQAGDFTNHNGTGGKSIYG
SRFPDENFTLKHVGPGVLSMANAGPNTNGSQFFICTIKTDWLDGKHVVFGHVIEGMDVVKKIESFGSKSGRTSKKIVITD
CGQLS
;
_entity_poly.pdbx_strand_id   A
#
# COMPACT_ATOMS: atom_id res chain seq x y z
N GLY A 2 12.61 14.85 -8.31
CA GLY A 2 11.34 14.33 -8.81
C GLY A 2 10.67 13.42 -7.81
N ASN A 3 9.44 12.99 -8.11
CA ASN A 3 8.71 12.13 -7.21
C ASN A 3 9.42 10.80 -7.04
N PRO A 4 9.44 10.22 -5.84
CA PRO A 4 10.09 8.92 -5.66
C PRO A 4 9.42 7.81 -6.46
N LEU A 5 10.24 6.88 -6.96
CA LEU A 5 9.79 5.59 -7.44
C LEU A 5 10.27 4.54 -6.43
N VAL A 6 9.36 3.68 -5.98
CA VAL A 6 9.67 2.62 -5.04
C VAL A 6 9.14 1.31 -5.60
N TYR A 7 9.58 0.20 -5.02
CA TYR A 7 9.18 -1.10 -5.48
C TYR A 7 8.83 -2.01 -4.31
N LEU A 8 7.92 -2.94 -4.60
CA LEU A 8 7.59 -4.07 -3.74
C LEU A 8 7.77 -5.35 -4.57
N ASP A 9 8.62 -6.27 -4.09
CA ASP A 9 8.72 -7.60 -4.67
C ASP A 9 7.83 -8.53 -3.86
N VAL A 10 6.92 -9.23 -4.53
CA VAL A 10 5.86 -9.97 -3.86
C VAL A 10 5.92 -11.45 -4.21
N ASP A 11 5.83 -12.29 -3.18
CA ASP A 11 5.69 -13.73 -3.30
C ASP A 11 4.26 -14.16 -2.96
N ALA A 12 3.84 -15.30 -3.48
CA ALA A 12 2.61 -15.96 -3.07
C ALA A 12 2.97 -17.41 -2.77
N ASN A 13 2.72 -17.85 -1.54
CA ASN A 13 3.13 -19.17 -1.09
C ASN A 13 4.59 -19.46 -1.45
N GLY A 14 5.43 -18.45 -1.27
CA GLY A 14 6.85 -18.61 -1.43
C GLY A 14 7.37 -18.58 -2.84
N LYS A 15 6.50 -18.35 -3.84
CA LYS A 15 6.95 -18.22 -5.21
C LYS A 15 6.85 -16.78 -5.67
N PRO A 16 7.90 -16.23 -6.29
CA PRO A 16 7.84 -14.83 -6.68
C PRO A 16 6.81 -14.58 -7.76
N LEU A 17 6.02 -13.53 -7.57
CA LEU A 17 5.10 -13.04 -8.57
C LEU A 17 5.70 -11.97 -9.46
N GLY A 18 6.72 -11.28 -8.97
CA GLY A 18 7.26 -10.14 -9.66
C GLY A 18 7.26 -8.89 -8.81
N ARG A 19 7.41 -7.76 -9.47
CA ARG A 19 7.64 -6.48 -8.83
C ARG A 19 6.52 -5.51 -9.16
N VAL A 20 6.06 -4.80 -8.15
CA VAL A 20 5.17 -3.67 -8.32
C VAL A 20 5.99 -2.41 -8.11
N VAL A 21 5.98 -1.51 -9.10
CA VAL A 21 6.66 -0.23 -9.00
C VAL A 21 5.62 0.85 -8.82
N LEU A 22 5.84 1.72 -7.84
CA LEU A 22 4.90 2.76 -7.44
C LEU A 22 5.57 4.13 -7.53
N GLU A 23 4.86 5.09 -8.12
CA GLU A 23 5.22 6.50 -8.03
C GLU A 23 4.52 7.11 -6.82
N LEU A 24 5.28 7.82 -6.00
CA LEU A 24 4.75 8.49 -4.82
C LEU A 24 4.65 9.98 -5.12
N LYS A 25 3.45 10.53 -4.98
CA LYS A 25 3.16 11.90 -5.42
C LYS A 25 3.55 12.89 -4.31
N ALA A 26 4.86 12.97 -4.09
CA ALA A 26 5.39 13.86 -3.07
C ALA A 26 5.13 15.32 -3.41
N ASP A 27 4.90 15.65 -4.68
CA ASP A 27 4.55 17.01 -5.04
C ASP A 27 3.18 17.42 -4.50
N VAL A 28 2.31 16.47 -4.20
CA VAL A 28 0.96 16.73 -3.70
C VAL A 28 0.84 16.43 -2.21
N VAL A 29 1.41 15.31 -1.78
CA VAL A 29 1.28 14.81 -0.40
C VAL A 29 2.68 14.45 0.08
N PRO A 30 3.53 15.44 0.33
CA PRO A 30 4.93 15.12 0.67
C PRO A 30 5.07 14.31 1.95
N LYS A 31 4.25 14.58 2.97
CA LYS A 31 4.45 13.86 4.23
C LYS A 31 4.03 12.40 4.10
N THR A 32 2.95 12.17 3.37
CA THR A 32 2.46 10.82 3.17
C THR A 32 3.40 10.05 2.26
N ALA A 33 3.88 10.69 1.19
CA ALA A 33 4.86 10.05 0.32
C ALA A 33 6.13 9.69 1.07
N GLU A 34 6.63 10.60 1.90
CA GLU A 34 7.89 10.35 2.60
C GLU A 34 7.76 9.17 3.56
N ASN A 35 6.63 9.08 4.26
CA ASN A 35 6.39 7.93 5.14
C ASN A 35 6.52 6.63 4.34
N PHE A 36 5.80 6.52 3.23
CA PHE A 36 5.82 5.27 2.47
C PHE A 36 7.20 4.99 1.93
N ARG A 37 7.88 6.01 1.40
CA ARG A 37 9.22 5.85 0.87
C ARG A 37 10.16 5.25 1.92
N ALA A 38 10.17 5.84 3.11
CA ALA A 38 11.06 5.39 4.17
C ALA A 38 10.69 4.00 4.67
N LEU A 39 9.41 3.64 4.67
CA LEU A 39 9.01 2.30 5.06
C LEU A 39 9.42 1.27 4.02
N CYS A 40 9.52 1.67 2.75
CA CYS A 40 10.06 0.78 1.72
C CYS A 40 11.55 0.58 1.89
N THR A 41 12.32 1.62 2.17
CA THR A 41 13.76 1.45 2.30
C THR A 41 14.13 0.79 3.63
N GLY A 42 13.27 0.91 4.64
CA GLY A 42 13.59 0.43 5.96
C GLY A 42 14.57 1.28 6.72
N GLU A 43 14.85 2.49 6.26
CA GLU A 43 15.96 3.27 6.79
C GLU A 43 15.75 3.72 8.23
N LYS A 44 14.53 3.71 8.76
CA LYS A 44 14.30 4.04 10.17
C LYS A 44 14.43 2.81 11.07
N GLY A 45 14.70 1.64 10.52
CA GLY A 45 14.85 0.43 11.30
C GLY A 45 13.63 -0.45 11.32
N PHE A 46 12.60 -0.10 10.56
CA PHE A 46 11.37 -0.88 10.45
C PHE A 46 10.75 -0.53 9.11
N GLY A 47 9.80 -1.36 8.67
CA GLY A 47 9.16 -1.10 7.40
C GLY A 47 8.53 -2.34 6.81
N TYR A 48 8.27 -2.26 5.51
CA TYR A 48 7.42 -3.25 4.87
C TYR A 48 8.09 -4.57 4.58
N LYS A 49 9.42 -4.63 4.57
CA LYS A 49 10.08 -5.88 4.19
C LYS A 49 9.62 -7.02 5.08
N GLY A 50 9.17 -8.10 4.48
CA GLY A 50 8.74 -9.28 5.19
C GLY A 50 7.27 -9.30 5.56
N SER A 51 6.55 -8.20 5.37
CA SER A 51 5.15 -8.14 5.77
C SER A 51 4.26 -8.63 4.63
N THR A 52 2.94 -8.61 4.84
CA THR A 52 2.01 -9.32 3.99
C THR A 52 0.92 -8.40 3.43
N PHE A 53 0.31 -8.87 2.33
CA PHE A 53 -1.02 -8.41 1.91
C PHE A 53 -2.02 -9.27 2.67
N HIS A 54 -2.61 -8.71 3.73
CA HIS A 54 -3.44 -9.50 4.63
C HIS A 54 -4.92 -9.44 4.30
N ARG A 55 -5.35 -8.49 3.47
CA ARG A 55 -6.76 -8.29 3.18
C ARG A 55 -6.87 -7.96 1.69
N VAL A 56 -7.47 -8.86 0.93
CA VAL A 56 -7.54 -8.72 -0.52
C VAL A 56 -8.95 -9.07 -0.94
N ILE A 57 -9.61 -8.14 -1.62
CA ILE A 57 -11.00 -8.31 -2.03
C ILE A 57 -11.07 -8.15 -3.54
N PRO A 58 -11.41 -9.22 -4.27
CA PRO A 58 -11.49 -9.11 -5.74
C PRO A 58 -12.47 -8.04 -6.16
N SER A 59 -12.12 -7.34 -7.23
CA SER A 59 -12.91 -6.23 -7.76
C SER A 59 -13.01 -5.07 -6.77
N PHE A 60 -12.02 -4.93 -5.89
CA PHE A 60 -11.96 -3.79 -4.97
C PHE A 60 -10.51 -3.35 -4.78
N MET A 61 -9.76 -4.06 -3.94
CA MET A 61 -8.41 -3.60 -3.62
C MET A 61 -7.61 -4.68 -2.91
N CYS A 62 -6.31 -4.44 -2.84
CA CYS A 62 -5.36 -5.27 -2.11
C CYS A 62 -4.70 -4.43 -1.04
N GLN A 63 -4.78 -4.88 0.22
CA GLN A 63 -4.33 -4.10 1.36
C GLN A 63 -3.19 -4.79 2.08
N ALA A 64 -2.21 -3.99 2.49
CA ALA A 64 -0.99 -4.47 3.11
C ALA A 64 -0.49 -3.45 4.12
N GLY A 65 0.70 -3.70 4.66
CA GLY A 65 1.41 -2.72 5.44
C GLY A 65 1.33 -2.84 6.93
N ASP A 66 0.63 -3.84 7.46
CA ASP A 66 0.60 -4.04 8.91
C ASP A 66 1.81 -4.90 9.28
N PHE A 67 2.95 -4.24 9.41
CA PHE A 67 4.21 -4.94 9.67
C PHE A 67 4.43 -5.20 11.16
N THR A 68 3.51 -4.78 12.02
CA THR A 68 3.62 -5.12 13.45
C THR A 68 2.74 -6.28 13.86
N ASN A 69 1.47 -6.31 13.41
CA ASN A 69 0.52 -7.34 13.81
C ASN A 69 0.05 -8.23 12.67
N HIS A 70 0.33 -7.86 11.41
CA HIS A 70 0.11 -8.73 10.25
C HIS A 70 -1.36 -9.10 10.08
N ASN A 71 -2.27 -8.28 10.57
CA ASN A 71 -3.68 -8.64 10.51
C ASN A 71 -4.64 -7.47 10.34
N GLY A 72 -4.16 -6.24 10.18
CA GLY A 72 -5.02 -5.11 10.00
C GLY A 72 -5.21 -4.26 11.23
N THR A 73 -4.68 -4.69 12.39
CA THR A 73 -4.81 -3.89 13.59
C THR A 73 -3.62 -2.98 13.85
N GLY A 74 -2.50 -3.20 13.16
CA GLY A 74 -1.27 -2.53 13.53
C GLY A 74 -0.63 -1.69 12.46
N GLY A 75 0.69 -1.60 12.53
CA GLY A 75 1.48 -0.69 11.74
C GLY A 75 1.76 0.60 12.48
N LYS A 76 2.76 1.33 11.97
CA LYS A 76 3.12 2.63 12.53
C LYS A 76 3.81 3.42 11.43
N SER A 77 3.76 4.73 11.57
CA SER A 77 4.42 5.61 10.62
C SER A 77 5.83 5.96 11.09
N ILE A 78 6.58 6.63 10.22
CA ILE A 78 7.89 7.11 10.60
C ILE A 78 7.83 8.28 11.56
N TYR A 79 6.64 8.87 11.75
CA TYR A 79 6.48 10.04 12.59
C TYR A 79 6.03 9.69 14.00
N GLY A 80 5.50 8.50 14.19
CA GLY A 80 4.76 8.15 15.39
C GLY A 80 3.73 7.12 15.00
N SER A 81 2.83 6.80 15.92
CA SER A 81 1.92 5.70 15.62
C SER A 81 0.94 6.06 14.50
N ARG A 82 0.48 7.31 14.45
CA ARG A 82 -0.46 7.77 13.44
C ARG A 82 -0.12 9.20 13.05
N PHE A 83 -0.60 9.61 11.89
CA PHE A 83 -0.40 10.97 11.41
C PHE A 83 -1.63 11.46 10.67
N PRO A 84 -1.80 12.78 10.56
CA PRO A 84 -3.04 13.32 10.00
C PRO A 84 -3.20 13.07 8.52
N ASP A 85 -4.45 13.19 8.09
CA ASP A 85 -4.77 13.22 6.66
C ASP A 85 -4.21 14.49 6.05
N GLU A 86 -3.29 14.33 5.11
CA GLU A 86 -2.56 15.47 4.57
C GLU A 86 -3.45 16.33 3.69
N ASN A 87 -4.14 15.72 2.73
CA ASN A 87 -5.17 16.36 1.92
C ASN A 87 -5.88 15.22 1.18
N PHE A 88 -6.97 15.57 0.51
CA PHE A 88 -7.74 14.61 -0.27
C PHE A 88 -7.75 15.01 -1.74
N THR A 89 -6.68 15.65 -2.19
CA THR A 89 -6.68 16.22 -3.53
C THR A 89 -6.69 15.15 -4.62
N LEU A 90 -5.85 14.13 -4.49
CA LEU A 90 -5.85 13.05 -5.47
C LEU A 90 -7.04 12.14 -5.23
N LYS A 91 -7.64 11.65 -6.32
CA LYS A 91 -8.86 10.86 -6.22
C LYS A 91 -8.62 9.40 -6.58
N HIS A 92 -9.55 8.54 -6.16
CA HIS A 92 -9.50 7.11 -6.42
C HIS A 92 -10.10 6.89 -7.81
N VAL A 93 -9.28 7.17 -8.84
CA VAL A 93 -9.79 7.31 -10.18
C VAL A 93 -9.90 5.99 -10.94
N GLY A 94 -9.25 4.92 -10.49
CA GLY A 94 -9.25 3.68 -11.23
C GLY A 94 -8.23 2.69 -10.70
N PRO A 95 -8.07 1.58 -11.42
CA PRO A 95 -7.10 0.57 -11.00
C PRO A 95 -5.71 1.17 -10.92
N GLY A 96 -4.95 0.75 -9.91
CA GLY A 96 -3.58 1.16 -9.74
C GLY A 96 -3.39 2.30 -8.76
N VAL A 97 -4.46 2.89 -8.27
CA VAL A 97 -4.32 3.95 -7.28
C VAL A 97 -3.78 3.38 -5.98
N LEU A 98 -2.85 4.11 -5.35
CA LEU A 98 -2.23 3.77 -4.08
C LEU A 98 -2.74 4.75 -3.04
N SER A 99 -3.31 4.23 -1.96
CA SER A 99 -4.03 5.04 -0.98
C SER A 99 -3.78 4.51 0.42
N MET A 100 -3.94 5.39 1.42
CA MET A 100 -3.70 5.00 2.81
C MET A 100 -4.94 4.37 3.42
N ALA A 101 -4.79 3.20 4.03
CA ALA A 101 -5.83 2.66 4.87
C ALA A 101 -5.93 3.49 6.14
N ASN A 102 -7.08 3.43 6.80
CA ASN A 102 -7.22 4.14 8.07
C ASN A 102 -8.37 3.57 8.87
N ALA A 103 -8.49 4.06 10.10
CA ALA A 103 -9.55 3.70 11.02
C ALA A 103 -10.42 4.90 11.35
N GLY A 104 -10.57 5.80 10.38
CA GLY A 104 -11.27 7.04 10.59
C GLY A 104 -10.35 8.21 10.31
N PRO A 105 -10.87 9.43 10.47
CA PRO A 105 -10.05 10.61 10.17
C PRO A 105 -8.75 10.62 10.96
N ASN A 106 -7.69 11.01 10.28
CA ASN A 106 -6.40 11.28 10.91
C ASN A 106 -5.84 10.08 11.68
N THR A 107 -5.89 8.91 11.02
CA THR A 107 -5.34 7.68 11.62
C THR A 107 -4.44 6.94 10.63
N ASN A 108 -3.74 7.67 9.77
CA ASN A 108 -2.78 7.04 8.89
C ASN A 108 -1.61 6.47 9.68
N GLY A 109 -1.16 5.28 9.29
CA GLY A 109 0.00 4.68 9.91
C GLY A 109 0.93 4.16 8.84
N SER A 110 0.88 2.86 8.62
CA SER A 110 1.63 2.23 7.55
C SER A 110 0.74 1.43 6.60
N GLN A 111 -0.47 1.06 6.99
CA GLN A 111 -1.29 0.25 6.10
C GLN A 111 -1.73 1.05 4.89
N PHE A 112 -1.77 0.37 3.74
CA PHE A 112 -2.07 1.00 2.48
C PHE A 112 -2.82 0.00 1.62
N PHE A 113 -3.39 0.49 0.52
CA PHE A 113 -4.06 -0.39 -0.42
C PHE A 113 -3.82 0.09 -1.85
N ILE A 114 -3.88 -0.88 -2.74
CA ILE A 114 -3.82 -0.65 -4.18
C ILE A 114 -5.18 -1.03 -4.75
N CYS A 115 -5.83 -0.07 -5.39
CA CYS A 115 -7.15 -0.31 -5.96
C CYS A 115 -7.06 -1.12 -7.24
N THR A 116 -8.06 -1.95 -7.47
CA THR A 116 -8.17 -2.69 -8.72
C THR A 116 -9.37 -2.25 -9.54
N ILE A 117 -10.06 -1.21 -9.08
CA ILE A 117 -11.22 -0.60 -9.73
C ILE A 117 -11.23 0.86 -9.27
N LYS A 118 -12.03 1.68 -9.93
CA LYS A 118 -12.35 3.01 -9.42
C LYS A 118 -13.14 2.87 -8.12
N THR A 119 -12.69 3.51 -7.05
CA THR A 119 -13.35 3.43 -5.75
C THR A 119 -13.74 4.83 -5.27
N ASP A 120 -14.70 5.45 -5.98
CA ASP A 120 -14.96 6.87 -5.76
C ASP A 120 -15.51 7.17 -4.38
N TRP A 121 -16.15 6.21 -3.73
CA TRP A 121 -16.73 6.45 -2.42
C TRP A 121 -15.67 6.65 -1.35
N LEU A 122 -14.41 6.36 -1.66
CA LEU A 122 -13.31 6.59 -0.72
C LEU A 122 -12.73 7.98 -0.86
N ASP A 123 -13.12 8.73 -1.88
CA ASP A 123 -12.63 10.10 -2.04
C ASP A 123 -13.06 10.94 -0.85
N GLY A 124 -12.11 11.71 -0.31
CA GLY A 124 -12.39 12.52 0.86
C GLY A 124 -12.30 11.76 2.16
N LYS A 125 -12.04 10.46 2.12
CA LYS A 125 -11.92 9.64 3.31
C LYS A 125 -10.56 8.98 3.44
N HIS A 126 -9.92 8.61 2.33
CA HIS A 126 -8.60 8.02 2.32
C HIS A 126 -7.68 8.89 1.48
N VAL A 127 -6.47 9.08 1.97
CA VAL A 127 -5.48 9.90 1.27
C VAL A 127 -4.81 9.08 0.18
N VAL A 128 -5.04 9.48 -1.06
CA VAL A 128 -4.35 8.93 -2.21
C VAL A 128 -2.99 9.60 -2.31
N PHE A 129 -1.96 8.78 -2.56
CA PHE A 129 -0.61 9.30 -2.57
C PHE A 129 0.28 8.73 -3.66
N GLY A 130 -0.25 7.95 -4.59
CA GLY A 130 0.58 7.44 -5.67
C GLY A 130 -0.20 6.54 -6.59
N HIS A 131 0.53 5.84 -7.45
CA HIS A 131 -0.09 4.92 -8.38
C HIS A 131 0.94 3.94 -8.90
N VAL A 132 0.45 2.84 -9.43
CA VAL A 132 1.27 1.80 -10.02
C VAL A 132 1.83 2.28 -11.36
N ILE A 133 3.15 2.22 -11.49
CA ILE A 133 3.89 2.53 -12.72
C ILE A 133 4.06 1.28 -13.58
N GLU A 134 4.37 0.17 -12.93
CA GLU A 134 4.65 -1.11 -13.56
C GLU A 134 4.20 -2.19 -12.60
N GLY A 135 3.78 -3.32 -13.14
CA GLY A 135 3.42 -4.46 -12.34
C GLY A 135 1.96 -4.60 -12.03
N MET A 136 1.07 -3.98 -12.81
CA MET A 136 -0.34 -4.24 -12.59
C MET A 136 -0.67 -5.72 -12.75
N ASP A 137 0.08 -6.46 -13.57
CA ASP A 137 -0.15 -7.89 -13.67
C ASP A 137 0.08 -8.57 -12.32
N VAL A 138 1.08 -8.11 -11.56
CA VAL A 138 1.31 -8.65 -10.23
C VAL A 138 0.14 -8.32 -9.32
N VAL A 139 -0.34 -7.09 -9.38
CA VAL A 139 -1.49 -6.69 -8.58
C VAL A 139 -2.68 -7.58 -8.91
N LYS A 140 -2.93 -7.85 -10.20
CA LYS A 140 -4.05 -8.70 -10.56
C LYS A 140 -3.86 -10.12 -10.06
N LYS A 141 -2.64 -10.63 -10.01
CA LYS A 141 -2.41 -11.94 -9.39
C LYS A 141 -2.79 -11.90 -7.91
N ILE A 142 -2.29 -10.89 -7.19
CA ILE A 142 -2.61 -10.75 -5.77
C ILE A 142 -4.12 -10.73 -5.58
N GLU A 143 -4.80 -9.90 -6.38
CA GLU A 143 -6.25 -9.77 -6.30
C GLU A 143 -6.93 -11.11 -6.45
N SER A 144 -6.44 -11.95 -7.36
CA SER A 144 -7.04 -13.24 -7.62
C SER A 144 -6.92 -14.21 -6.44
N PHE A 145 -6.07 -13.90 -5.46
CA PHE A 145 -5.91 -14.71 -4.27
C PHE A 145 -6.70 -14.17 -3.09
N GLY A 146 -7.60 -13.22 -3.31
CA GLY A 146 -8.46 -12.71 -2.28
C GLY A 146 -9.81 -13.39 -2.24
N SER A 147 -10.71 -12.82 -1.46
CA SER A 147 -12.06 -13.33 -1.31
C SER A 147 -12.96 -12.19 -0.87
N LYS A 148 -14.26 -12.45 -0.89
CA LYS A 148 -15.23 -11.44 -0.48
C LYS A 148 -14.97 -10.96 0.93
N SER A 149 -14.55 -11.86 1.83
CA SER A 149 -14.29 -11.53 3.21
C SER A 149 -12.95 -10.83 3.42
N GLY A 150 -12.13 -10.77 2.39
CA GLY A 150 -10.79 -10.23 2.48
C GLY A 150 -9.73 -11.26 2.82
N ARG A 151 -10.12 -12.43 3.32
CA ARG A 151 -9.16 -13.47 3.65
C ARG A 151 -8.46 -13.94 2.38
N THR A 152 -7.13 -14.05 2.45
CA THR A 152 -6.37 -14.51 1.28
C THR A 152 -6.28 -16.03 1.27
N SER A 153 -6.22 -16.59 0.05
CA SER A 153 -6.13 -18.02 -0.14
C SER A 153 -4.70 -18.49 -0.39
N LYS A 154 -3.75 -17.56 -0.48
CA LYS A 154 -2.33 -17.83 -0.51
C LYS A 154 -1.69 -16.83 0.44
N LYS A 155 -0.51 -17.16 0.95
CA LYS A 155 0.22 -16.23 1.80
C LYS A 155 1.01 -15.27 0.90
N ILE A 156 0.65 -13.99 0.94
CA ILE A 156 1.18 -12.99 0.03
C ILE A 156 2.14 -12.11 0.80
N VAL A 157 3.43 -12.19 0.47
CA VAL A 157 4.50 -11.60 1.27
C VAL A 157 5.29 -10.61 0.41
N ILE A 158 5.52 -9.41 0.96
CA ILE A 158 6.47 -8.45 0.38
C ILE A 158 7.85 -8.92 0.83
N THR A 159 8.57 -9.62 -0.07
CA THR A 159 9.85 -10.20 0.32
C THR A 159 10.97 -9.16 0.32
N ASP A 160 10.85 -8.15 -0.53
CA ASP A 160 11.86 -7.11 -0.66
C ASP A 160 11.14 -5.84 -1.09
N CYS A 161 11.72 -4.71 -0.76
CA CYS A 161 11.15 -3.43 -1.16
C CYS A 161 12.24 -2.38 -1.03
N GLY A 162 12.03 -1.25 -1.68
CA GLY A 162 13.07 -0.23 -1.67
C GLY A 162 12.73 0.91 -2.59
N GLN A 163 13.71 1.77 -2.77
CA GLN A 163 13.59 2.96 -3.60
C GLN A 163 14.43 2.83 -4.86
N LEU A 164 13.82 3.10 -6.00
CA LEU A 164 14.52 3.08 -7.28
C LEU A 164 15.08 4.43 -7.68
N SER A 165 14.38 5.52 -7.32
CA SER A 165 14.83 6.88 -7.60
C SER A 165 14.04 7.88 -6.77
#